data_5PH0
#
_entry.id   5PH0
#
_cell.length_a   71.467
_cell.length_b   71.467
_cell.length_c   150.264
_cell.angle_alpha   90.000
_cell.angle_beta   90.000
_cell.angle_gamma   90.000
#
_symmetry.space_group_name_H-M   'P 43 21 2'
#
loop_
_entity.id
_entity.type
_entity.pdbx_description
1 polymer 'Lysine-specific demethylase 4D'
2 non-polymer 'ZINC ION'
3 non-polymer 'NICKEL (II) ION'
4 non-polymer 'MAGNESIUM ION'
5 non-polymer N-OXALYLGLYCINE
6 non-polymer 1,2-ETHANEDIOL
7 non-polymer 'SULFATE ION'
8 non-polymer 2-(trifluoromethyl)-1H-benzimidazol-5-amine
9 water water
#
_entity_poly.entity_id   1
_entity_poly.type   'polypeptide(L)'
_entity_poly.pdbx_seq_one_letter_code
;MHHHHHHSSGVDLGTENLYFQSMETMKSKANCAQNPNCNIMIFHPTKEEFNDFDKYIAYMESQGAHRAGLAKIIPPKEWK
ARETYDNISEILIATPLQQVASGRAGVFTQYHKKKKAMTVGEYRHLANSKKYQTPPHQNFEDLERKYWKNRIYNSPIYGA
DISGSLFDENTKQWNLGHLGTIQDLLEKECGVVIEGVNTPYLYFGMWKTTFAWHTEDMDLYSINYLHLGEPKTWYVVPPE
HGQRLERLARELFPGSSRGCGAFLRHKVALISPTVLKENGIPFNRITQEAGEFMVTFPYGYHAGFNHGFNCAEAINFATP
RWIDYGKMASQCSCGEARVTFSMDAFVRILQPERYDLWKRGQDR
;
_entity_poly.pdbx_strand_id   A
#
loop_
_chem_comp.id
_chem_comp.type
_chem_comp.name
_chem_comp.formula
71N non-polymer 2-(trifluoromethyl)-1H-benzimidazol-5-amine 'C8 H6 F3 N3'
EDO non-polymer 1,2-ETHANEDIOL 'C2 H6 O2'
MG non-polymer 'MAGNESIUM ION' 'Mg 2'
NI non-polymer 'NICKEL (II) ION' 'Ni 2'
OGA non-polymer N-OXALYLGLYCINE 'C4 H5 N O5'
SO4 non-polymer 'SULFATE ION' 'O4 S -2'
ZN non-polymer 'ZINC ION' 'Zn 2'
#
# COMPACT_ATOMS: atom_id res chain seq x y z
N ALA A 33 2.62 16.71 -22.75
CA ALA A 33 2.53 16.03 -21.46
C ALA A 33 3.02 14.58 -21.53
N GLN A 34 3.87 14.19 -20.60
CA GLN A 34 4.41 12.83 -20.59
C GLN A 34 3.40 11.82 -20.07
N ASN A 35 3.40 10.63 -20.66
CA ASN A 35 2.50 9.54 -20.26
C ASN A 35 1.01 9.94 -20.17
N PRO A 36 0.46 10.52 -21.25
CA PRO A 36 -0.91 11.04 -21.16
C PRO A 36 -1.98 9.96 -20.94
N ASN A 37 -1.70 8.73 -21.36
CA ASN A 37 -2.66 7.63 -21.14
C ASN A 37 -2.54 7.05 -19.74
N CYS A 38 -1.60 7.54 -18.93
CA CYS A 38 -1.47 7.12 -17.53
C CYS A 38 -1.14 5.64 -17.39
N ASN A 39 -0.27 5.14 -18.27
CA ASN A 39 0.20 3.76 -18.18
C ASN A 39 1.17 3.56 -17.03
N ILE A 40 1.16 2.38 -16.44
CA ILE A 40 2.16 2.02 -15.45
C ILE A 40 3.51 1.87 -16.14
N MET A 41 4.49 2.65 -15.70
CA MET A 41 5.82 2.58 -16.28
C MET A 41 6.75 1.71 -15.44
N ILE A 42 7.72 1.09 -16.12
CA ILE A 42 8.69 0.19 -15.51
C ILE A 42 10.07 0.76 -15.75
N PHE A 43 10.85 0.89 -14.69
CA PHE A 43 12.17 1.52 -14.77
C PHE A 43 13.29 0.53 -14.43
N HIS A 44 14.41 0.68 -15.14
CA HIS A 44 15.60 -0.14 -14.94
C HIS A 44 16.81 0.74 -14.64
N PRO A 45 16.87 1.36 -13.45
CA PRO A 45 18.01 2.21 -13.13
C PRO A 45 19.34 1.46 -13.14
N THR A 46 20.38 2.15 -13.59
CA THR A 46 21.73 1.62 -13.45
C THR A 46 22.17 1.72 -12.00
N LYS A 47 23.27 1.09 -11.66
CA LYS A 47 23.75 1.18 -10.28
C LYS A 47 24.12 2.62 -9.94
N GLU A 48 24.60 3.39 -10.91
CA GLU A 48 24.89 4.80 -10.67
C GLU A 48 23.61 5.60 -10.42
N GLU A 49 22.58 5.32 -11.21
CA GLU A 49 21.29 5.99 -11.02
C GLU A 49 20.59 5.58 -9.72
N PHE A 50 21.01 4.47 -9.12
CA PHE A 50 20.38 3.91 -7.92
C PHE A 50 20.94 4.53 -6.64
N ASN A 51 21.91 5.43 -6.77
CA ASN A 51 22.53 6.02 -5.60
C ASN A 51 21.66 7.05 -4.91
N ASP A 52 21.04 7.93 -5.70
CA ASP A 52 20.31 9.08 -5.19
C ASP A 52 18.81 8.84 -5.33
N PHE A 53 18.20 8.43 -4.23
CA PHE A 53 16.79 8.05 -4.25
C PHE A 53 15.87 9.20 -4.70
N ASP A 54 16.00 10.35 -4.04
N ASP A 54 16.04 10.35 -4.08
CA ASP A 54 15.16 11.50 -4.37
CA ASP A 54 15.15 11.46 -4.37
C ASP A 54 15.27 11.85 -5.86
C ASP A 54 15.29 11.95 -5.82
N LYS A 55 16.50 11.87 -6.36
CA LYS A 55 16.75 12.27 -7.74
C LYS A 55 16.06 11.30 -8.70
N TYR A 56 16.05 10.01 -8.38
CA TYR A 56 15.44 9.06 -9.29
C TYR A 56 13.91 9.14 -9.25
N ILE A 57 13.32 9.40 -8.08
CA ILE A 57 11.88 9.61 -8.03
C ILE A 57 11.51 10.81 -8.89
N ALA A 58 12.27 11.89 -8.76
CA ALA A 58 12.03 13.06 -9.60
C ALA A 58 12.18 12.75 -11.08
N TYR A 59 13.18 11.94 -11.43
CA TYR A 59 13.36 11.53 -12.82
C TYR A 59 12.12 10.75 -13.32
N MET A 60 11.64 9.81 -12.53
CA MET A 60 10.48 9.03 -12.94
CA MET A 60 10.47 9.03 -12.95
C MET A 60 9.30 9.96 -13.22
N GLU A 61 9.11 10.95 -12.38
CA GLU A 61 8.00 11.88 -12.56
CA GLU A 61 8.01 11.89 -12.56
C GLU A 61 8.21 12.75 -13.80
N SER A 62 9.47 13.09 -14.11
CA SER A 62 9.74 13.87 -15.32
C SER A 62 9.31 13.09 -16.57
N GLN A 63 9.23 11.77 -16.45
CA GLN A 63 8.80 10.92 -17.56
C GLN A 63 7.32 10.60 -17.50
N GLY A 64 6.62 11.18 -16.52
CA GLY A 64 5.19 11.02 -16.37
C GLY A 64 4.74 9.80 -15.57
N ALA A 65 5.66 9.18 -14.83
CA ALA A 65 5.32 7.94 -14.13
C ALA A 65 4.17 8.11 -13.15
N HIS A 66 4.14 9.25 -12.45
CA HIS A 66 3.12 9.48 -11.44
C HIS A 66 1.71 9.50 -12.00
N ARG A 67 1.55 9.77 -13.29
CA ARG A 67 0.20 9.85 -13.85
C ARG A 67 -0.55 8.53 -13.73
N ALA A 68 0.17 7.41 -13.70
CA ALA A 68 -0.43 6.10 -13.52
C ALA A 68 -0.90 5.86 -12.08
N GLY A 69 -0.23 6.49 -11.11
CA GLY A 69 -0.48 6.20 -9.71
C GLY A 69 0.46 5.16 -9.13
N LEU A 70 1.17 4.44 -10.00
CA LEU A 70 2.00 3.31 -9.60
C LEU A 70 3.12 3.15 -10.62
N ALA A 71 4.34 2.86 -10.17
CA ALA A 71 5.46 2.52 -11.05
C ALA A 71 6.19 1.31 -10.51
N LYS A 72 6.80 0.54 -11.40
CA LYS A 72 7.69 -0.54 -11.02
C LYS A 72 9.13 -0.13 -11.22
N ILE A 73 10.00 -0.46 -10.25
CA ILE A 73 11.43 -0.22 -10.39
C ILE A 73 12.17 -1.53 -10.19
N ILE A 74 12.89 -1.95 -11.23
CA ILE A 74 13.70 -3.16 -11.15
C ILE A 74 15.12 -2.73 -10.80
N PRO A 75 15.63 -3.18 -9.64
CA PRO A 75 16.98 -2.75 -9.23
C PRO A 75 18.05 -3.24 -10.17
N PRO A 76 19.19 -2.52 -10.23
CA PRO A 76 20.31 -3.01 -11.04
C PRO A 76 20.77 -4.39 -10.57
N LYS A 77 21.33 -5.16 -11.50
CA LYS A 77 21.72 -6.54 -11.23
C LYS A 77 22.75 -6.66 -10.12
N GLU A 78 23.51 -5.59 -9.89
CA GLU A 78 24.57 -5.60 -8.87
C GLU A 78 24.03 -5.40 -7.45
N TRP A 79 22.76 -5.06 -7.33
CA TRP A 79 22.19 -4.69 -6.04
C TRP A 79 21.54 -5.87 -5.34
N LYS A 80 21.57 -5.86 -4.01
CA LYS A 80 20.75 -6.79 -3.23
C LYS A 80 20.30 -6.16 -1.93
N ALA A 81 19.16 -6.61 -1.45
CA ALA A 81 18.59 -6.07 -0.21
C ALA A 81 19.34 -6.59 1.01
N ARG A 82 19.71 -7.86 0.95
CA ARG A 82 20.45 -8.54 2.03
C ARG A 82 21.06 -9.79 1.43
N GLU A 83 21.90 -10.47 2.20
CA GLU A 83 22.61 -11.63 1.69
C GLU A 83 21.69 -12.81 1.44
N THR A 84 20.92 -13.20 2.46
CA THR A 84 20.04 -14.37 2.35
CA THR A 84 20.04 -14.34 2.33
C THR A 84 18.80 -14.16 3.21
N TYR A 85 17.74 -14.91 2.89
CA TYR A 85 16.53 -14.90 3.71
C TYR A 85 16.40 -16.20 4.51
N ASP A 86 17.52 -16.87 4.75
CA ASP A 86 17.41 -18.19 5.38
CA ASP A 86 17.51 -18.18 5.40
C ASP A 86 17.23 -18.12 6.90
N ASN A 87 17.29 -16.92 7.48
CA ASN A 87 17.18 -16.83 8.95
C ASN A 87 16.05 -15.93 9.46
N ILE A 88 14.93 -15.94 8.76
CA ILE A 88 13.81 -15.06 9.12
C ILE A 88 12.66 -15.77 9.82
N SER A 89 12.80 -17.07 10.07
CA SER A 89 11.66 -17.86 10.53
C SER A 89 11.23 -17.54 11.97
N GLU A 90 12.09 -16.87 12.72
CA GLU A 90 11.80 -16.58 14.12
C GLU A 90 11.16 -15.21 14.34
N ILE A 91 11.02 -14.43 13.28
CA ILE A 91 10.23 -13.21 13.35
C ILE A 91 8.82 -13.55 13.85
N LEU A 92 8.27 -12.75 14.76
CA LEU A 92 6.94 -13.01 15.28
C LEU A 92 5.90 -12.17 14.56
N ILE A 93 4.81 -12.82 14.16
CA ILE A 93 3.60 -12.14 13.71
C ILE A 93 2.67 -12.14 14.91
N ALA A 94 2.71 -11.04 15.68
CA ALA A 94 2.01 -10.98 16.95
C ALA A 94 0.49 -11.10 16.78
N THR A 95 -0.03 -10.53 15.70
CA THR A 95 -1.47 -10.50 15.48
C THR A 95 -1.79 -10.80 14.02
N PRO A 96 -1.72 -12.07 13.63
CA PRO A 96 -2.14 -12.43 12.27
C PRO A 96 -3.61 -12.06 12.08
N LEU A 97 -3.98 -11.68 10.87
CA LEU A 97 -5.33 -11.21 10.59
C LEU A 97 -6.03 -12.11 9.58
N GLN A 98 -7.15 -12.68 9.99
CA GLN A 98 -7.96 -13.49 9.08
C GLN A 98 -8.90 -12.56 8.33
N GLN A 99 -8.83 -12.57 7.01
CA GLN A 99 -9.58 -11.61 6.19
C GLN A 99 -10.89 -12.20 5.70
N VAL A 100 -11.97 -11.86 6.40
CA VAL A 100 -13.26 -12.47 6.16
C VAL A 100 -14.10 -11.56 5.25
N ALA A 101 -14.57 -12.10 4.12
CA ALA A 101 -15.30 -11.30 3.13
C ALA A 101 -16.81 -11.35 3.28
N SER A 102 -17.44 -10.27 2.84
CA SER A 102 -18.91 -10.17 2.78
CA SER A 102 -18.88 -10.17 2.80
C SER A 102 -19.29 -9.46 1.51
N GLY A 103 -20.28 -9.98 0.80
CA GLY A 103 -20.76 -9.32 -0.40
C GLY A 103 -20.84 -10.27 -1.58
N ARG A 104 -20.46 -9.78 -2.74
N ARG A 104 -20.51 -9.79 -2.76
N ARG A 104 -20.47 -9.79 -2.75
CA ARG A 104 -20.45 -10.58 -3.95
CA ARG A 104 -20.48 -10.63 -3.96
CA ARG A 104 -20.46 -10.61 -3.96
C ARG A 104 -19.02 -10.77 -4.42
C ARG A 104 -19.07 -10.68 -4.52
C ARG A 104 -19.03 -10.74 -4.45
N ALA A 105 -18.83 -11.62 -5.43
CA ALA A 105 -17.47 -11.96 -5.87
C ALA A 105 -16.68 -10.74 -6.33
N GLY A 106 -17.35 -9.82 -7.03
CA GLY A 106 -16.68 -8.64 -7.55
C GLY A 106 -16.85 -7.35 -6.77
N VAL A 107 -17.68 -7.38 -5.72
CA VAL A 107 -17.95 -6.20 -4.89
C VAL A 107 -18.14 -6.68 -3.47
N PHE A 108 -17.11 -6.53 -2.64
CA PHE A 108 -17.18 -7.08 -1.30
C PHE A 108 -16.37 -6.24 -0.33
N THR A 109 -16.66 -6.39 0.95
CA THR A 109 -15.80 -5.83 1.97
C THR A 109 -15.13 -6.98 2.72
N GLN A 110 -14.07 -6.66 3.45
CA GLN A 110 -13.44 -7.65 4.31
C GLN A 110 -13.20 -7.04 5.67
N TYR A 111 -13.36 -7.87 6.70
CA TYR A 111 -12.99 -7.43 8.02
C TYR A 111 -11.88 -8.33 8.52
N HIS A 112 -11.13 -7.83 9.49
CA HIS A 112 -9.96 -8.51 9.99
CA HIS A 112 -9.97 -8.53 9.97
C HIS A 112 -10.21 -9.11 11.36
N LYS A 113 -10.21 -10.43 11.42
CA LYS A 113 -10.38 -11.15 12.67
C LYS A 113 -9.00 -11.49 13.23
N LYS A 114 -8.73 -11.05 14.45
CA LYS A 114 -7.42 -11.31 15.07
C LYS A 114 -7.24 -12.78 15.42
N LYS A 115 -6.07 -13.32 15.12
CA LYS A 115 -5.73 -14.69 15.44
C LYS A 115 -4.57 -14.73 16.43
N LYS A 116 -4.32 -15.90 17.01
CA LYS A 116 -3.20 -16.05 17.92
C LYS A 116 -1.85 -15.87 17.22
N ALA A 117 -0.86 -15.39 17.97
CA ALA A 117 0.46 -15.12 17.44
C ALA A 117 1.12 -16.37 16.84
N MET A 118 1.94 -16.16 15.82
N MET A 118 1.88 -16.15 15.76
CA MET A 118 2.71 -17.25 15.26
CA MET A 118 2.66 -17.20 15.11
C MET A 118 3.98 -16.70 14.63
C MET A 118 4.03 -16.65 14.73
N THR A 119 5.01 -17.53 14.58
CA THR A 119 6.27 -17.13 13.95
C THR A 119 6.11 -17.15 12.43
N VAL A 120 7.05 -16.51 11.74
CA VAL A 120 7.06 -16.55 10.28
C VAL A 120 7.22 -17.99 9.78
N GLY A 121 8.01 -18.80 10.46
CA GLY A 121 8.12 -20.21 10.10
C GLY A 121 6.79 -20.94 10.19
N GLU A 122 6.05 -20.69 11.26
CA GLU A 122 4.73 -21.29 11.40
C GLU A 122 3.76 -20.77 10.34
N TYR A 123 3.84 -19.48 10.07
CA TYR A 123 2.97 -18.85 9.07
C TYR A 123 3.24 -19.42 7.68
N ARG A 124 4.52 -19.59 7.34
CA ARG A 124 4.89 -20.15 6.05
C ARG A 124 4.32 -21.56 5.89
N HIS A 125 4.44 -22.36 6.93
CA HIS A 125 3.88 -23.70 6.91
C HIS A 125 2.36 -23.67 6.71
N LEU A 126 1.69 -22.73 7.37
CA LEU A 126 0.25 -22.58 7.22
C LEU A 126 -0.11 -22.16 5.78
N ALA A 127 0.62 -21.20 5.24
CA ALA A 127 0.41 -20.74 3.88
C ALA A 127 0.52 -21.88 2.87
N ASN A 128 1.42 -22.83 3.13
CA ASN A 128 1.66 -23.92 2.20
C ASN A 128 0.78 -25.14 2.46
N SER A 129 -0.09 -25.08 3.46
CA SER A 129 -0.96 -26.21 3.78
C SER A 129 -2.02 -26.37 2.71
N LYS A 130 -2.66 -27.53 2.64
CA LYS A 130 -3.67 -27.75 1.62
C LYS A 130 -4.80 -26.72 1.70
N LYS A 131 -5.16 -26.30 2.89
CA LYS A 131 -6.27 -25.36 3.08
C LYS A 131 -5.98 -24.00 2.44
N TYR A 132 -4.72 -23.56 2.49
CA TYR A 132 -4.38 -22.20 2.13
C TYR A 132 -3.48 -22.02 0.91
N GLN A 133 -2.92 -23.12 0.40
N GLN A 133 -2.93 -23.12 0.39
CA GLN A 133 -1.93 -23.01 -0.67
CA GLN A 133 -1.92 -23.02 -0.67
C GLN A 133 -2.53 -22.55 -1.99
C GLN A 133 -2.51 -22.60 -2.02
N THR A 134 -1.70 -21.90 -2.80
CA THR A 134 -2.05 -21.52 -4.17
C THR A 134 -2.50 -22.73 -4.96
N PRO A 135 -3.64 -22.61 -5.67
CA PRO A 135 -4.12 -23.73 -6.49
C PRO A 135 -3.29 -23.89 -7.75
N PRO A 136 -3.36 -25.08 -8.38
CA PRO A 136 -2.77 -25.24 -9.71
C PRO A 136 -3.31 -24.18 -10.66
N HIS A 137 -2.45 -23.64 -11.52
CA HIS A 137 -2.85 -22.58 -12.43
C HIS A 137 -1.89 -22.52 -13.61
N GLN A 138 -2.35 -21.96 -14.73
CA GLN A 138 -1.56 -21.93 -15.95
C GLN A 138 -0.55 -20.78 -16.01
N ASN A 139 -0.95 -19.63 -15.50
CA ASN A 139 -0.17 -18.40 -15.58
C ASN A 139 -0.77 -17.35 -14.64
N PHE A 140 -0.22 -16.13 -14.65
CA PHE A 140 -0.72 -15.07 -13.77
C PHE A 140 -2.19 -14.72 -14.08
N GLU A 141 -2.56 -14.75 -15.36
CA GLU A 141 -3.92 -14.39 -15.77
C GLU A 141 -4.95 -15.40 -15.27
N ASP A 142 -4.58 -16.68 -15.34
CA ASP A 142 -5.42 -17.76 -14.84
C ASP A 142 -5.60 -17.59 -13.33
N LEU A 143 -4.51 -17.30 -12.63
CA LEU A 143 -4.60 -17.13 -11.19
C LEU A 143 -5.46 -15.92 -10.83
N GLU A 144 -5.32 -14.84 -11.61
CA GLU A 144 -6.16 -13.65 -11.42
C GLU A 144 -7.65 -13.97 -11.56
N ARG A 145 -8.01 -14.76 -12.57
N ARG A 145 -8.00 -14.76 -12.57
CA ARG A 145 -9.40 -15.16 -12.73
CA ARG A 145 -9.37 -15.19 -12.79
C ARG A 145 -9.89 -15.96 -11.54
C ARG A 145 -9.88 -15.97 -11.58
N LYS A 146 -9.06 -16.90 -11.08
CA LYS A 146 -9.42 -17.69 -9.91
C LYS A 146 -9.59 -16.82 -8.67
N TYR A 147 -8.71 -15.86 -8.49
CA TYR A 147 -8.82 -14.95 -7.36
C TYR A 147 -10.18 -14.25 -7.34
N TRP A 148 -10.57 -13.62 -8.44
CA TRP A 148 -11.81 -12.84 -8.41
C TRP A 148 -13.05 -13.72 -8.41
N LYS A 149 -12.94 -14.92 -8.94
CA LYS A 149 -14.04 -15.86 -8.92
CA LYS A 149 -14.05 -15.86 -8.91
C LYS A 149 -14.30 -16.40 -7.51
N ASN A 150 -13.21 -16.68 -6.78
CA ASN A 150 -13.30 -17.48 -5.56
C ASN A 150 -12.88 -16.83 -4.24
N ARG A 151 -12.31 -15.62 -4.30
CA ARG A 151 -11.79 -14.98 -3.09
C ARG A 151 -12.78 -14.97 -1.94
N ILE A 152 -14.03 -14.61 -2.20
CA ILE A 152 -14.93 -14.38 -1.07
C ILE A 152 -15.26 -15.66 -0.29
N TYR A 153 -15.03 -16.82 -0.90
CA TYR A 153 -15.40 -18.09 -0.28
C TYR A 153 -14.31 -18.64 0.62
N ASN A 154 -13.22 -17.89 0.79
CA ASN A 154 -12.14 -18.28 1.68
C ASN A 154 -11.76 -17.12 2.58
N SER A 155 -11.06 -17.42 3.68
CA SER A 155 -10.61 -16.37 4.58
C SER A 155 -9.13 -16.53 4.89
N PRO A 156 -8.28 -16.02 3.99
CA PRO A 156 -6.83 -16.16 4.18
C PRO A 156 -6.34 -15.35 5.38
N ILE A 157 -5.16 -15.69 5.87
CA ILE A 157 -4.59 -15.03 7.04
C ILE A 157 -3.37 -14.25 6.60
N TYR A 158 -3.32 -12.97 7.00
N TYR A 158 -3.27 -12.99 6.98
CA TYR A 158 -2.29 -11.98 6.61
CA TYR A 158 -2.05 -12.30 6.60
C TYR A 158 -1.47 -11.59 7.85
C TYR A 158 -1.46 -11.51 7.74
N GLY A 159 -0.14 -11.52 7.73
CA GLY A 159 0.66 -10.90 8.75
C GLY A 159 1.03 -9.50 8.30
N ALA A 160 0.20 -8.52 8.64
CA ALA A 160 0.37 -7.17 8.11
C ALA A 160 0.83 -6.17 9.15
N ASP A 161 1.42 -5.07 8.66
CA ASP A 161 1.76 -3.92 9.51
C ASP A 161 2.66 -4.31 10.69
N ILE A 162 3.69 -5.10 10.41
CA ILE A 162 4.64 -5.50 11.43
C ILE A 162 5.83 -4.54 11.36
N SER A 163 6.01 -3.72 12.39
N SER A 163 6.04 -3.76 12.42
CA SER A 163 7.14 -2.79 12.38
CA SER A 163 7.15 -2.82 12.44
C SER A 163 8.46 -3.56 12.32
C SER A 163 8.50 -3.53 12.36
N GLY A 164 9.30 -3.21 11.36
CA GLY A 164 10.60 -3.84 11.20
C GLY A 164 11.14 -3.69 9.80
N SER A 165 12.34 -4.23 9.57
CA SER A 165 12.98 -4.15 8.25
C SER A 165 13.81 -5.41 7.99
N LEU A 166 13.88 -5.81 6.73
CA LEU A 166 14.75 -6.91 6.33
C LEU A 166 15.89 -6.42 5.45
N PHE A 167 16.06 -5.11 5.31
CA PHE A 167 17.24 -4.60 4.61
C PHE A 167 18.46 -4.70 5.50
N ASP A 168 19.55 -5.21 4.93
CA ASP A 168 20.83 -5.23 5.62
C ASP A 168 21.25 -3.79 5.92
N GLU A 169 21.78 -3.53 7.12
CA GLU A 169 22.15 -2.17 7.47
C GLU A 169 23.23 -1.62 6.54
N ASN A 170 23.97 -2.51 5.90
CA ASN A 170 25.03 -2.11 4.97
C ASN A 170 24.55 -1.89 3.54
N THR A 171 23.28 -2.14 3.27
CA THR A 171 22.70 -1.83 1.97
C THR A 171 22.47 -0.33 1.90
N LYS A 172 23.23 0.33 1.04
CA LYS A 172 23.26 1.79 0.99
C LYS A 172 22.19 2.38 0.07
N GLN A 173 21.79 1.62 -0.94
CA GLN A 173 20.88 2.12 -1.96
C GLN A 173 19.48 1.57 -1.75
N TRP A 174 18.48 2.46 -1.77
CA TRP A 174 17.07 2.08 -1.71
C TRP A 174 16.77 1.18 -0.51
N ASN A 175 17.41 1.51 0.60
CA ASN A 175 17.16 0.86 1.88
C ASN A 175 15.97 1.54 2.53
N LEU A 176 14.85 0.85 2.61
CA LEU A 176 13.60 1.48 3.05
C LEU A 176 13.60 1.90 4.51
N GLY A 177 14.60 1.46 5.29
CA GLY A 177 14.76 1.94 6.65
C GLY A 177 15.72 3.12 6.79
N HIS A 178 16.27 3.59 5.67
CA HIS A 178 17.22 4.70 5.70
C HIS A 178 16.78 5.86 4.81
N LEU A 179 15.48 6.01 4.58
CA LEU A 179 14.99 7.11 3.76
C LEU A 179 14.85 8.40 4.56
N GLY A 180 14.98 9.53 3.88
CA GLY A 180 14.65 10.82 4.48
C GLY A 180 13.23 10.80 5.02
N THR A 181 13.01 11.39 6.19
CA THR A 181 11.72 11.26 6.84
C THR A 181 10.71 12.28 6.32
N ILE A 182 9.44 11.96 6.44
CA ILE A 182 8.39 12.89 6.04
CA ILE A 182 8.43 12.90 5.99
C ILE A 182 8.42 14.15 6.90
N GLN A 183 8.76 13.97 8.17
CA GLN A 183 8.84 15.12 9.09
C GLN A 183 9.95 16.07 8.63
N ASP A 184 11.09 15.52 8.20
CA ASP A 184 12.15 16.38 7.70
C ASP A 184 11.79 17.02 6.36
N LEU A 185 11.05 16.30 5.53
CA LEU A 185 10.59 16.87 4.28
C LEU A 185 9.69 18.08 4.55
N LEU A 186 8.71 17.91 5.44
N LEU A 186 8.72 17.91 5.45
CA LEU A 186 7.82 19.00 5.78
CA LEU A 186 7.80 19.00 5.77
C LEU A 186 8.59 20.20 6.31
C LEU A 186 8.57 20.19 6.33
N GLU A 187 9.57 19.92 7.17
CA GLU A 187 10.38 20.98 7.71
C GLU A 187 11.17 21.70 6.62
N LYS A 188 11.78 20.94 5.71
CA LYS A 188 12.57 21.54 4.63
C LYS A 188 11.71 22.40 3.70
N GLU A 189 10.48 21.96 3.46
CA GLU A 189 9.60 22.66 2.53
C GLU A 189 8.86 23.85 3.14
N CYS A 190 8.43 23.67 4.38
N CYS A 190 8.38 23.70 4.37
CA CYS A 190 7.52 24.63 5.00
CA CYS A 190 7.54 24.76 4.95
C CYS A 190 8.11 25.34 6.21
C CYS A 190 8.14 25.40 6.20
N GLY A 191 9.29 24.91 6.64
CA GLY A 191 10.01 25.56 7.71
C GLY A 191 9.57 25.23 9.13
N VAL A 192 8.59 24.36 9.26
CA VAL A 192 8.06 23.99 10.57
CA VAL A 192 8.07 24.00 10.58
C VAL A 192 8.64 22.65 11.06
N VAL A 193 9.18 22.65 12.26
CA VAL A 193 9.66 21.42 12.86
C VAL A 193 8.50 20.72 13.56
N ILE A 194 8.35 19.42 13.34
CA ILE A 194 7.27 18.67 13.96
C ILE A 194 7.74 17.37 14.58
N GLU A 195 7.00 16.91 15.58
CA GLU A 195 7.22 15.60 16.17
C GLU A 195 6.82 14.50 15.19
N GLY A 196 7.25 13.28 15.48
CA GLY A 196 6.83 12.12 14.71
C GLY A 196 7.98 11.40 14.08
N VAL A 197 7.74 10.12 13.81
CA VAL A 197 8.70 9.24 13.17
C VAL A 197 7.97 8.40 12.16
N ASN A 198 8.76 7.80 11.27
N ASN A 198 8.68 7.89 11.16
CA ASN A 198 8.26 7.03 10.14
CA ASN A 198 8.07 6.88 10.32
C ASN A 198 9.16 5.83 9.85
C ASN A 198 9.11 5.86 9.96
N THR A 199 8.73 4.62 10.17
CA THR A 199 9.60 3.46 9.97
C THR A 199 8.90 2.43 9.10
N PRO A 200 9.67 1.47 8.54
CA PRO A 200 9.01 0.52 7.64
C PRO A 200 8.15 -0.52 8.32
N TYR A 201 7.31 -1.16 7.51
N TYR A 201 7.26 -1.12 7.51
CA TYR A 201 6.48 -2.26 7.98
CA TYR A 201 6.40 -2.24 7.90
C TYR A 201 6.66 -3.48 7.08
C TYR A 201 6.79 -3.49 7.10
N LEU A 202 6.61 -4.65 7.71
CA LEU A 202 6.71 -5.92 7.00
C LEU A 202 5.32 -6.51 6.83
N TYR A 203 5.14 -7.21 5.72
CA TYR A 203 3.88 -7.85 5.36
C TYR A 203 4.17 -9.29 4.95
N PHE A 204 3.64 -10.25 5.69
CA PHE A 204 3.76 -11.65 5.30
C PHE A 204 2.43 -12.09 4.74
N GLY A 205 2.41 -12.54 3.49
CA GLY A 205 1.16 -12.85 2.81
C GLY A 205 1.06 -14.31 2.41
N MET A 206 -0.14 -14.69 2.00
CA MET A 206 -0.39 -16.02 1.45
C MET A 206 -1.39 -15.85 0.31
N TRP A 207 -1.67 -16.94 -0.40
CA TRP A 207 -2.66 -16.91 -1.46
C TRP A 207 -3.96 -16.24 -1.00
N LYS A 208 -4.45 -15.31 -1.83
CA LYS A 208 -5.71 -14.59 -1.66
C LYS A 208 -5.69 -13.50 -0.61
N THR A 209 -4.60 -13.35 0.13
CA THR A 209 -4.42 -12.22 1.01
CA THR A 209 -4.54 -12.21 1.04
C THR A 209 -4.63 -10.94 0.20
N THR A 210 -5.38 -9.98 0.73
CA THR A 210 -5.94 -8.89 -0.04
C THR A 210 -5.66 -7.54 0.54
N PHE A 211 -5.25 -6.56 -0.28
CA PHE A 211 -5.27 -5.19 0.20
C PHE A 211 -6.36 -4.41 -0.53
N ALA A 212 -7.21 -3.81 0.28
CA ALA A 212 -8.40 -3.10 -0.18
C ALA A 212 -8.05 -1.79 -0.90
N TRP A 213 -9.00 -1.27 -1.68
CA TRP A 213 -8.81 0.01 -2.36
C TRP A 213 -8.51 1.15 -1.39
N HIS A 214 -7.38 1.83 -1.61
CA HIS A 214 -7.02 2.95 -0.73
C HIS A 214 -6.00 3.84 -1.39
N THR A 215 -5.90 5.08 -0.90
CA THR A 215 -4.69 5.87 -1.06
C THR A 215 -3.97 5.87 0.28
N GLU A 216 -2.73 6.37 0.30
CA GLU A 216 -1.98 6.38 1.55
C GLU A 216 -2.51 7.45 2.50
N ASP A 217 -2.17 7.30 3.79
CA ASP A 217 -2.45 8.34 4.78
C ASP A 217 -1.97 9.67 4.24
N MET A 218 -2.80 10.71 4.34
CA MET A 218 -2.45 12.05 3.90
CA MET A 218 -2.43 12.06 3.89
C MET A 218 -2.06 12.09 2.41
N ASP A 219 -2.50 11.09 1.66
CA ASP A 219 -2.16 10.90 0.25
C ASP A 219 -0.65 10.98 0.00
N LEU A 220 0.10 10.38 0.92
CA LEU A 220 1.55 10.23 0.77
C LEU A 220 1.94 9.28 -0.37
N TYR A 221 3.21 9.29 -0.73
CA TYR A 221 3.74 8.19 -1.55
C TYR A 221 3.87 6.94 -0.68
N SER A 222 3.97 5.79 -1.33
CA SER A 222 4.50 4.62 -0.64
CA SER A 222 4.46 4.60 -0.66
C SER A 222 5.51 3.93 -1.55
N ILE A 223 6.41 3.17 -0.93
CA ILE A 223 7.31 2.33 -1.68
C ILE A 223 7.28 0.96 -1.03
N ASN A 224 7.25 -0.06 -1.87
CA ASN A 224 7.02 -1.44 -1.47
C ASN A 224 8.04 -2.32 -2.14
N TYR A 225 8.83 -3.06 -1.34
CA TYR A 225 9.80 -4.00 -1.88
C TYR A 225 9.34 -5.43 -1.58
N LEU A 226 9.26 -6.26 -2.61
CA LEU A 226 8.88 -7.66 -2.41
C LEU A 226 10.17 -8.46 -2.16
N HIS A 227 10.43 -8.75 -0.90
CA HIS A 227 11.67 -9.42 -0.48
C HIS A 227 11.80 -10.84 -0.98
N LEU A 228 10.71 -11.58 -0.92
N LEU A 228 10.71 -11.58 -0.91
CA LEU A 228 10.79 -13.04 -1.01
CA LEU A 228 10.79 -13.00 -1.19
C LEU A 228 9.44 -13.67 -1.32
C LEU A 228 9.43 -13.56 -1.51
N GLY A 229 9.45 -14.72 -2.15
CA GLY A 229 8.26 -15.51 -2.34
C GLY A 229 7.46 -15.23 -3.59
N GLU A 230 6.16 -15.50 -3.50
CA GLU A 230 5.29 -15.45 -4.66
C GLU A 230 4.86 -14.01 -4.98
N PRO A 231 4.36 -13.78 -6.19
CA PRO A 231 4.06 -12.40 -6.60
C PRO A 231 2.91 -11.71 -5.88
N LYS A 232 2.81 -10.41 -6.16
CA LYS A 232 1.74 -9.56 -5.69
CA LYS A 232 1.70 -9.60 -5.71
C LYS A 232 1.13 -8.86 -6.91
N THR A 233 -0.17 -9.00 -7.15
CA THR A 233 -0.82 -8.28 -8.24
C THR A 233 -1.45 -6.99 -7.73
N TRP A 234 -1.20 -5.90 -8.45
CA TRP A 234 -1.68 -4.57 -8.12
C TRP A 234 -2.68 -4.06 -9.15
N TYR A 235 -3.68 -3.33 -8.67
CA TYR A 235 -4.58 -2.53 -9.49
C TYR A 235 -4.44 -1.08 -9.06
N VAL A 236 -4.53 -0.14 -9.99
CA VAL A 236 -4.33 1.27 -9.64
C VAL A 236 -5.16 2.19 -10.53
N VAL A 237 -5.72 3.24 -9.92
CA VAL A 237 -6.46 4.26 -10.64
C VAL A 237 -5.58 5.51 -10.74
N PRO A 238 -5.43 6.08 -11.93
CA PRO A 238 -4.65 7.33 -12.06
C PRO A 238 -5.12 8.39 -11.06
N PRO A 239 -4.19 9.09 -10.40
CA PRO A 239 -4.60 10.14 -9.47
C PRO A 239 -5.58 11.15 -10.08
N GLU A 240 -5.44 11.48 -11.35
CA GLU A 240 -6.33 12.47 -11.93
C GLU A 240 -7.78 11.96 -12.05
N HIS A 241 -7.97 10.66 -11.86
CA HIS A 241 -9.30 10.05 -11.92
C HIS A 241 -9.77 9.41 -10.62
N GLY A 242 -9.07 9.72 -9.53
CA GLY A 242 -9.42 9.12 -8.25
C GLY A 242 -10.86 9.37 -7.83
N GLN A 243 -11.38 10.56 -8.13
CA GLN A 243 -12.74 10.86 -7.71
CA GLN A 243 -12.75 10.90 -7.76
C GLN A 243 -13.78 10.00 -8.43
N ARG A 244 -13.43 9.50 -9.63
CA ARG A 244 -14.32 8.55 -10.31
C ARG A 244 -14.45 7.25 -9.53
N LEU A 245 -13.34 6.78 -8.97
CA LEU A 245 -13.39 5.59 -8.14
C LEU A 245 -14.22 5.87 -6.88
N GLU A 246 -14.01 7.03 -6.28
CA GLU A 246 -14.76 7.39 -5.08
C GLU A 246 -16.27 7.40 -5.33
N ARG A 247 -16.68 7.98 -6.46
CA ARG A 247 -18.09 8.03 -6.81
C ARG A 247 -18.68 6.63 -6.98
N LEU A 248 -17.95 5.75 -7.66
CA LEU A 248 -18.43 4.37 -7.81
C LEU A 248 -18.51 3.68 -6.46
N ALA A 249 -17.50 3.86 -5.62
CA ALA A 249 -17.50 3.25 -4.30
C ALA A 249 -18.71 3.69 -3.48
N ARG A 250 -19.09 4.97 -3.58
N ARG A 250 -19.07 4.97 -3.57
CA ARG A 250 -20.25 5.45 -2.85
CA ARG A 250 -20.25 5.45 -2.85
C ARG A 250 -21.53 4.79 -3.35
C ARG A 250 -21.50 4.73 -3.33
N GLU A 251 -21.60 4.50 -4.64
CA GLU A 251 -22.73 3.79 -5.22
C GLU A 251 -22.77 2.31 -4.79
N LEU A 252 -21.60 1.68 -4.74
CA LEU A 252 -21.52 0.25 -4.48
C LEU A 252 -21.58 -0.12 -3.00
N PHE A 253 -21.20 0.82 -2.13
CA PHE A 253 -21.21 0.60 -0.69
C PHE A 253 -22.01 1.72 -0.04
N PRO A 254 -23.33 1.74 -0.29
CA PRO A 254 -24.11 2.92 0.07
C PRO A 254 -24.22 3.14 1.59
N GLY A 255 -24.37 2.09 2.38
CA GLY A 255 -24.40 2.23 3.83
C GLY A 255 -23.09 2.78 4.37
N SER A 256 -21.98 2.23 3.88
CA SER A 256 -20.67 2.71 4.31
C SER A 256 -20.47 4.18 4.00
N SER A 257 -20.93 4.58 2.82
CA SER A 257 -20.80 5.96 2.38
C SER A 257 -21.59 6.90 3.30
N ARG A 258 -22.78 6.50 3.70
CA ARG A 258 -23.57 7.32 4.60
C ARG A 258 -22.90 7.47 5.96
N GLY A 259 -22.17 6.43 6.37
CA GLY A 259 -21.49 6.44 7.67
C GLY A 259 -20.25 7.31 7.74
N CYS A 260 -19.59 7.51 6.60
CA CYS A 260 -18.33 8.25 6.56
C CYS A 260 -18.05 8.82 5.18
N GLY A 261 -17.74 10.11 5.13
CA GLY A 261 -17.47 10.80 3.87
C GLY A 261 -16.15 10.43 3.23
N ALA A 262 -15.36 9.62 3.92
CA ALA A 262 -14.09 9.13 3.40
C ALA A 262 -13.90 7.66 3.76
N PHE A 263 -14.93 6.84 3.55
CA PHE A 263 -14.88 5.48 4.07
C PHE A 263 -13.84 4.59 3.39
N LEU A 264 -13.31 4.97 2.22
CA LEU A 264 -12.24 4.15 1.66
C LEU A 264 -11.00 4.21 2.54
N ARG A 265 -10.91 5.23 3.40
CA ARG A 265 -9.84 5.31 4.40
C ARG A 265 -9.90 4.13 5.39
N HIS A 266 -11.04 3.46 5.47
CA HIS A 266 -11.17 2.30 6.36
C HIS A 266 -10.43 1.09 5.81
N LYS A 267 -10.10 1.14 4.51
CA LYS A 267 -9.36 0.09 3.83
C LYS A 267 -10.02 -1.29 3.98
N VAL A 268 -11.29 -1.36 3.61
CA VAL A 268 -12.01 -2.63 3.66
C VAL A 268 -12.78 -2.97 2.38
N ALA A 269 -12.79 -2.09 1.37
CA ALA A 269 -13.64 -2.29 0.20
C ALA A 269 -12.88 -2.81 -1.02
N LEU A 270 -13.44 -3.83 -1.66
CA LEU A 270 -12.87 -4.39 -2.88
C LEU A 270 -13.85 -4.31 -4.03
N ILE A 271 -13.33 -3.95 -5.20
CA ILE A 271 -14.09 -3.86 -6.44
C ILE A 271 -13.22 -4.51 -7.50
N SER A 272 -13.76 -5.46 -8.25
CA SER A 272 -12.99 -6.22 -9.22
C SER A 272 -12.70 -5.43 -10.49
N PRO A 273 -11.68 -5.86 -11.26
CA PRO A 273 -11.44 -5.18 -12.54
C PRO A 273 -12.63 -5.28 -13.49
N THR A 274 -13.38 -6.38 -13.43
CA THR A 274 -14.56 -6.49 -14.28
C THR A 274 -15.60 -5.43 -13.94
N VAL A 275 -15.84 -5.21 -12.65
CA VAL A 275 -16.80 -4.20 -12.23
C VAL A 275 -16.28 -2.79 -12.56
N LEU A 276 -14.99 -2.54 -12.38
CA LEU A 276 -14.42 -1.25 -12.78
C LEU A 276 -14.64 -1.01 -14.27
N LYS A 277 -14.34 -2.01 -15.10
CA LYS A 277 -14.54 -1.87 -16.54
C LYS A 277 -16.01 -1.61 -16.89
N GLU A 278 -16.92 -2.33 -16.24
CA GLU A 278 -18.34 -2.17 -16.49
C GLU A 278 -18.81 -0.75 -16.22
N ASN A 279 -18.14 -0.10 -15.27
CA ASN A 279 -18.50 1.25 -14.85
C ASN A 279 -17.58 2.34 -15.43
N GLY A 280 -16.74 1.96 -16.38
CA GLY A 280 -15.92 2.94 -17.09
C GLY A 280 -14.85 3.60 -16.25
N ILE A 281 -14.41 2.95 -15.18
CA ILE A 281 -13.38 3.52 -14.32
C ILE A 281 -12.01 3.26 -14.91
N PRO A 282 -11.23 4.31 -15.16
CA PRO A 282 -9.88 4.07 -15.69
C PRO A 282 -8.98 3.43 -14.64
N PHE A 283 -8.29 2.36 -15.03
CA PHE A 283 -7.35 1.70 -14.12
C PHE A 283 -6.34 0.90 -14.91
N ASN A 284 -5.30 0.47 -14.21
CA ASN A 284 -4.30 -0.41 -14.79
C ASN A 284 -3.95 -1.50 -13.78
N ARG A 285 -3.26 -2.54 -14.27
CA ARG A 285 -2.84 -3.63 -13.41
C ARG A 285 -1.43 -4.06 -13.76
N ILE A 286 -0.74 -4.62 -12.77
CA ILE A 286 0.60 -5.12 -12.98
C ILE A 286 0.93 -6.11 -11.87
N THR A 287 1.78 -7.09 -12.17
CA THR A 287 2.21 -8.03 -11.15
C THR A 287 3.65 -7.78 -10.77
N GLN A 288 3.88 -7.62 -9.46
CA GLN A 288 5.19 -7.42 -8.86
C GLN A 288 5.78 -8.76 -8.45
N GLU A 289 7.04 -9.00 -8.78
CA GLU A 289 7.70 -10.25 -8.42
C GLU A 289 8.82 -9.99 -7.42
N ALA A 290 9.31 -11.04 -6.78
CA ALA A 290 10.34 -10.91 -5.76
C ALA A 290 11.55 -10.19 -6.34
N GLY A 291 12.10 -9.25 -5.57
CA GLY A 291 13.24 -8.46 -5.99
C GLY A 291 12.88 -7.16 -6.68
N GLU A 292 11.59 -6.83 -6.74
CA GLU A 292 11.13 -5.61 -7.43
C GLU A 292 10.49 -4.63 -6.46
N PHE A 293 10.72 -3.34 -6.72
CA PHE A 293 10.07 -2.25 -6.00
C PHE A 293 8.85 -1.75 -6.75
N MET A 294 7.82 -1.36 -5.99
CA MET A 294 6.71 -0.59 -6.53
C MET A 294 6.64 0.71 -5.77
N VAL A 295 6.37 1.81 -6.47
CA VAL A 295 6.10 3.09 -5.84
C VAL A 295 4.68 3.51 -6.16
N THR A 296 3.90 3.84 -5.13
CA THR A 296 2.61 4.47 -5.37
C THR A 296 2.77 5.97 -5.16
N PHE A 297 2.06 6.72 -5.98
CA PHE A 297 2.17 8.17 -6.01
C PHE A 297 0.98 8.81 -5.30
N PRO A 298 1.14 10.06 -4.85
CA PRO A 298 0.07 10.73 -4.11
C PRO A 298 -1.30 10.62 -4.80
N TYR A 299 -2.28 10.16 -4.02
CA TYR A 299 -3.68 10.04 -4.43
C TYR A 299 -3.87 9.01 -5.56
N GLY A 300 -2.94 8.05 -5.65
CA GLY A 300 -3.11 6.92 -6.53
C GLY A 300 -3.79 5.78 -5.78
N TYR A 301 -5.09 5.58 -6.02
CA TYR A 301 -5.83 4.48 -5.39
C TYR A 301 -5.26 3.16 -5.87
N HIS A 302 -5.05 2.23 -4.95
CA HIS A 302 -4.57 0.92 -5.33
C HIS A 302 -5.18 -0.17 -4.46
N ALA A 303 -5.18 -1.39 -5.01
CA ALA A 303 -5.67 -2.59 -4.34
C ALA A 303 -4.93 -3.77 -4.94
N GLY A 304 -5.02 -4.94 -4.33
CA GLY A 304 -4.40 -6.09 -4.92
C GLY A 304 -4.42 -7.32 -4.05
N PHE A 305 -3.66 -8.32 -4.47
CA PHE A 305 -3.66 -9.60 -3.76
C PHE A 305 -2.33 -10.33 -3.93
N ASN A 306 -2.04 -11.22 -2.99
CA ASN A 306 -0.83 -12.05 -3.06
C ASN A 306 -1.10 -13.40 -3.69
N HIS A 307 -0.12 -13.90 -4.41
CA HIS A 307 -0.26 -15.16 -5.14
C HIS A 307 -0.01 -16.39 -4.28
N GLY A 308 0.66 -16.21 -3.15
CA GLY A 308 1.13 -17.32 -2.34
C GLY A 308 2.01 -16.74 -1.24
N PHE A 309 2.73 -17.59 -0.51
CA PHE A 309 3.56 -17.10 0.59
C PHE A 309 4.55 -16.07 0.09
N ASN A 310 4.59 -14.90 0.74
CA ASN A 310 5.59 -13.91 0.42
C ASN A 310 5.84 -12.96 1.57
N CYS A 311 6.84 -12.12 1.40
CA CYS A 311 7.15 -11.09 2.37
C CYS A 311 7.50 -9.82 1.65
N ALA A 312 6.82 -8.74 2.01
CA ALA A 312 7.06 -7.42 1.47
C ALA A 312 7.39 -6.46 2.59
N GLU A 313 8.09 -5.40 2.24
CA GLU A 313 8.41 -4.31 3.17
C GLU A 313 7.97 -3.02 2.53
N ALA A 314 7.31 -2.15 3.29
CA ALA A 314 6.81 -0.90 2.72
C ALA A 314 6.89 0.25 3.72
N ILE A 315 6.96 1.46 3.17
CA ILE A 315 7.00 2.64 4.01
C ILE A 315 6.42 3.81 3.21
N ASN A 316 5.80 4.77 3.90
CA ASN A 316 5.42 6.01 3.26
C ASN A 316 6.58 6.99 3.16
N PHE A 317 6.56 7.83 2.15
CA PHE A 317 7.54 8.90 2.03
C PHE A 317 6.92 10.09 1.32
N ALA A 318 7.64 11.21 1.35
CA ALA A 318 7.18 12.45 0.75
C ALA A 318 8.27 13.06 -0.11
N THR A 319 7.83 13.93 -1.03
CA THR A 319 8.71 14.77 -1.83
C THR A 319 8.08 16.17 -1.82
N PRO A 320 8.78 17.18 -2.38
CA PRO A 320 8.14 18.49 -2.42
C PRO A 320 6.78 18.49 -3.15
N ARG A 321 6.63 17.65 -4.17
N ARG A 321 6.65 17.64 -4.16
CA ARG A 321 5.36 17.62 -4.91
CA ARG A 321 5.40 17.55 -4.93
C ARG A 321 4.21 17.06 -4.07
C ARG A 321 4.23 17.02 -4.10
N TRP A 322 4.53 16.32 -3.01
CA TRP A 322 3.47 15.79 -2.15
C TRP A 322 2.70 16.86 -1.38
N ILE A 323 3.36 17.96 -1.03
CA ILE A 323 2.78 18.90 -0.07
C ILE A 323 1.37 19.35 -0.48
N ASP A 324 1.17 19.68 -1.75
CA ASP A 324 -0.16 20.11 -2.18
C ASP A 324 -1.20 19.00 -2.08
N TYR A 325 -0.80 17.75 -2.25
CA TYR A 325 -1.73 16.64 -2.03
C TYR A 325 -2.05 16.47 -0.56
N GLY A 326 -1.04 16.61 0.30
CA GLY A 326 -1.29 16.50 1.73
C GLY A 326 -2.30 17.53 2.22
N LYS A 327 -2.21 18.75 1.68
CA LYS A 327 -3.12 19.84 2.02
C LYS A 327 -4.57 19.54 1.65
N MET A 328 -4.75 18.73 0.62
CA MET A 328 -6.08 18.47 0.07
C MET A 328 -6.65 17.11 0.45
N ALA A 329 -5.86 16.29 1.14
CA ALA A 329 -6.26 14.92 1.42
C ALA A 329 -7.55 14.85 2.23
N SER A 330 -8.45 13.95 1.83
N SER A 330 -8.45 13.96 1.80
CA SER A 330 -9.71 13.76 2.55
CA SER A 330 -9.64 13.68 2.58
C SER A 330 -9.54 12.83 3.75
C SER A 330 -9.24 13.08 3.91
N GLN A 331 -10.14 13.20 4.88
CA GLN A 331 -9.93 12.50 6.14
C GLN A 331 -11.14 11.75 6.62
N CYS A 332 -10.89 10.62 7.27
CA CYS A 332 -11.92 9.95 8.04
C CYS A 332 -11.98 10.55 9.45
N SER A 333 -13.15 10.97 9.86
CA SER A 333 -13.37 11.48 11.20
C SER A 333 -14.46 10.69 11.93
N CYS A 334 -14.92 9.59 11.34
CA CYS A 334 -15.98 8.78 11.95
C CYS A 334 -15.43 7.86 13.02
N GLY A 335 -14.10 7.77 13.09
CA GLY A 335 -13.45 6.96 14.11
C GLY A 335 -12.94 5.61 13.64
N GLU A 336 -13.36 5.17 12.46
CA GLU A 336 -12.97 3.84 11.99
C GLU A 336 -11.50 3.75 11.57
N ALA A 337 -11.03 4.76 10.84
CA ALA A 337 -9.69 4.72 10.24
C ALA A 337 -8.59 4.53 11.27
N ARG A 338 -8.55 5.39 12.29
CA ARG A 338 -7.60 5.29 13.40
C ARG A 338 -6.16 5.03 12.97
N VAL A 339 -5.38 6.09 12.84
CA VAL A 339 -4.06 6.00 12.25
C VAL A 339 -2.91 6.34 13.20
N THR A 340 -1.70 6.33 12.65
CA THR A 340 -0.48 6.56 13.40
C THR A 340 -0.41 7.92 14.07
N PHE A 341 0.34 8.07 15.15
N PHE A 341 0.36 7.94 15.15
CA PHE A 341 0.36 9.39 15.76
CA PHE A 341 0.76 9.10 15.93
C PHE A 341 1.24 10.36 14.96
C PHE A 341 1.24 10.25 15.06
N SER A 342 1.94 9.83 13.96
N SER A 342 2.01 9.92 14.03
CA SER A 342 2.71 10.68 13.05
CA SER A 342 2.67 10.92 13.21
C SER A 342 1.77 11.55 12.22
C SER A 342 1.69 11.68 12.32
N MET A 343 0.53 11.11 12.05
CA MET A 343 -0.42 11.81 11.22
C MET A 343 -0.96 13.07 11.89
N ASP A 344 -0.93 13.12 13.22
CA ASP A 344 -1.44 14.29 13.94
C ASP A 344 -0.81 15.57 13.42
N ALA A 345 0.51 15.60 13.36
CA ALA A 345 1.22 16.80 12.95
C ALA A 345 0.93 17.16 11.52
N PHE A 346 0.77 16.15 10.65
N PHE A 346 0.71 16.18 10.66
CA PHE A 346 0.46 16.43 9.24
CA PHE A 346 0.46 16.49 9.26
C PHE A 346 -0.87 17.17 9.14
C PHE A 346 -0.92 17.09 9.04
N VAL A 347 -1.90 16.67 9.82
CA VAL A 347 -3.22 17.31 9.78
C VAL A 347 -3.14 18.68 10.46
N ARG A 348 -2.47 18.75 11.61
CA ARG A 348 -2.37 19.98 12.36
C ARG A 348 -1.75 21.13 11.55
N ILE A 349 -0.68 20.84 10.81
CA ILE A 349 0.00 21.87 10.05
C ILE A 349 -0.61 22.08 8.66
N LEU A 350 -0.92 21.00 7.95
CA LEU A 350 -1.41 21.16 6.58
C LEU A 350 -2.91 21.42 6.47
N GLN A 351 -3.67 20.98 7.47
N GLN A 351 -3.67 20.95 7.44
CA GLN A 351 -5.12 21.08 7.43
CA GLN A 351 -5.12 21.15 7.40
C GLN A 351 -5.71 21.63 8.74
C GLN A 351 -5.64 21.61 8.76
N PRO A 352 -5.23 22.80 9.20
CA PRO A 352 -5.66 23.27 10.52
C PRO A 352 -7.17 23.40 10.68
N GLU A 353 -7.93 23.73 9.64
CA GLU A 353 -9.39 23.81 9.76
CA GLU A 353 -9.37 23.81 9.79
C GLU A 353 -10.01 22.45 10.10
N ARG A 354 -9.42 21.38 9.58
CA ARG A 354 -9.98 20.05 9.78
C ARG A 354 -9.49 19.40 11.05
N TYR A 355 -8.47 19.97 11.66
CA TYR A 355 -7.75 19.31 12.74
C TYR A 355 -8.63 18.95 13.94
N ASP A 356 -9.41 19.89 14.45
CA ASP A 356 -10.25 19.64 15.61
CA ASP A 356 -10.25 19.64 15.61
C ASP A 356 -11.23 18.48 15.38
N LEU A 357 -11.92 18.50 14.25
CA LEU A 357 -12.87 17.44 13.92
C LEU A 357 -12.18 16.09 13.76
N TRP A 358 -11.04 16.09 13.08
CA TRP A 358 -10.29 14.87 12.85
C TRP A 358 -9.80 14.28 14.17
N LYS A 359 -9.31 15.13 15.06
CA LYS A 359 -8.76 14.68 16.33
C LYS A 359 -9.84 14.11 17.22
N ARG A 360 -11.06 14.63 17.09
CA ARG A 360 -12.20 14.08 17.81
C ARG A 360 -12.45 12.64 17.37
N GLY A 361 -12.22 12.38 16.09
CA GLY A 361 -12.35 11.04 15.55
C GLY A 361 -11.29 10.10 16.11
N GLN A 362 -10.12 10.65 16.40
CA GLN A 362 -9.05 9.82 16.92
CA GLN A 362 -9.00 9.91 16.96
C GLN A 362 -9.28 9.47 18.39
N ASP A 363 -10.07 10.27 19.08
CA ASP A 363 -10.40 10.00 20.48
C ASP A 363 -11.89 9.71 20.65
ZN ZN B . -14.57 6.85 8.59
NI NI C . -0.85 1.34 0.02
MG MG D . 14.31 -15.13 12.53
C1 OGA E . 1.54 -0.18 -0.24
C2 OGA E . 0.47 -1.13 0.05
C4 OGA E . -0.23 -3.32 0.78
C5 OGA E . 0.25 -4.75 0.82
O1 OGA E . 1.21 1.01 -0.39
O2 OGA E . 2.74 -0.57 -0.31
O2' OGA E . -0.70 -0.74 0.02
O3 OGA E . 1.34 -5.02 0.27
N1 OGA E . 0.78 -2.38 0.35
O4 OGA E . -0.48 -5.58 1.40
C1 EDO F . 18.37 6.06 0.41
O1 EDO F . 19.67 6.49 -0.01
C2 EDO F . 18.51 5.03 1.52
O2 EDO F . 19.14 3.84 1.05
C1 EDO G . -11.61 -7.68 -16.72
O1 EDO G . -10.88 -6.46 -16.74
C2 EDO G . -10.62 -8.84 -16.73
O2 EDO G . -9.97 -8.94 -15.45
C1 EDO H . -11.74 9.17 0.70
O1 EDO H . -11.93 10.24 -0.24
C2 EDO H . -12.22 7.87 0.08
O2 EDO H . -13.52 7.48 0.55
C1 EDO I . 15.35 -18.94 11.04
O1 EDO I . 15.02 -19.11 9.66
C2 EDO I . 15.70 -20.30 11.65
O2 EDO I . 15.06 -20.42 12.92
C1 EDO J . -2.34 -9.05 -13.86
O1 EDO J . -1.06 -8.42 -13.70
C2 EDO J . -2.13 -10.54 -14.09
O2 EDO J . -0.77 -10.83 -13.73
C1 EDO K . 17.81 -8.32 -4.29
O1 EDO K . 17.89 -8.67 -5.68
C2 EDO K . 18.09 -9.55 -3.44
O2 EDO K . 17.99 -9.18 -2.06
C1 EDO L . -20.80 -5.32 1.20
O1 EDO L . -21.32 -4.00 1.35
C2 EDO L . -20.81 -6.04 2.54
O2 EDO L . -20.17 -5.21 3.52
C1 EDO M . 2.90 1.49 3.29
O1 EDO M . 2.03 0.36 3.15
C2 EDO M . 3.32 1.58 4.75
O2 EDO M . 2.16 1.86 5.54
S SO4 N . 7.30 -25.28 5.07
O1 SO4 N . 6.11 -25.22 4.24
O2 SO4 N . 8.13 -26.40 4.66
O3 SO4 N . 6.92 -25.43 6.47
O4 SO4 N . 8.06 -24.03 4.91
S SO4 O . 21.60 -13.17 6.30
O1 SO4 O . 21.83 -14.44 5.60
O2 SO4 O . 21.34 -12.12 5.31
O3 SO4 O . 20.45 -13.32 7.20
O4 SO4 O . 22.78 -12.83 7.09
S SO4 P . -11.90 -22.62 -11.48
O1 SO4 P . -13.10 -22.07 -12.09
O2 SO4 P . -11.96 -24.07 -11.50
O3 SO4 P . -11.79 -22.14 -10.10
O4 SO4 P . -10.73 -22.16 -12.24
S SO4 Q . -9.09 -21.30 -5.56
O1 SO4 Q . -9.13 -20.09 -6.37
O2 SO4 Q . -9.01 -22.47 -6.45
O3 SO4 Q . -10.31 -21.38 -4.76
O4 SO4 Q . -7.93 -21.29 -4.67
F3 71N R . 4.18 12.54 -7.95
F1 71N R . 3.73 14.05 -6.52
F2 71N R . 2.15 13.01 -7.50
C12 71N R . 3.99 15.84 -10.42
C11 71N R . 4.68 16.48 -11.45
C8 71N R . 2.01 17.19 -10.83
C7 71N R . 2.68 16.20 -10.12
C9 71N R . 2.70 17.82 -11.84
C10 71N R . 4.03 17.47 -12.16
C4 71N R . 3.35 14.58 -8.77
C1 71N R . 3.35 13.55 -7.69
N5 71N R . 2.31 15.38 -9.08
N6 71N R . 4.38 14.83 -9.56
N13 71N R . 4.68 18.14 -13.20
#